data_4NTO
#
_entry.id   4NTO
#
_cell.length_a   91.820
_cell.length_b   103.574
_cell.length_c   165.289
_cell.angle_alpha   90.000
_cell.angle_beta   90.000
_cell.angle_gamma   90.000
#
_symmetry.space_group_name_H-M   'I 2 2 2'
#
loop_
_entity.id
_entity.type
_entity.pdbx_description
1 polymer 'accelerated-cell-death 11'
2 non-polymer '(2S,3R,4E)-2-(acetylamino)-3-hydroxyoctadec-4-en-1-yl dihydrogen phosphate'
3 non-polymer DI(HYDROXYETHYL)ETHER
4 water water
#
_entity_poly.entity_id   1
_entity_poly.type   'polypeptide(L)'
_entity_poly.pdbx_seq_one_letter_code
;SMADSEADKPLRKISAAFKKLAIIVNSPNPEVPVTQFSHACSLVSPLFGCLGIAFKFAEMAYVAKVDDLVRASSSISTLV
VMMDKDIEADCVRKAGSHTRNLLRVKRGLDMVKVLFEQIIASEGDNSLKDPATKSYAQVFAPHHGWAIRKAVSLGMYALP
TRAHLLNMLKEDEAAAKIHMQSYVNSSAPLITYLDNLFLSKQLGIDW
;
_entity_poly.pdbx_strand_id   A,B,C
#
# COMPACT_ATOMS: atom_id res chain seq x y z
N ASP A 8 -13.63 -1.50 18.19
CA ASP A 8 -12.31 -1.78 17.63
C ASP A 8 -11.26 -0.80 18.15
N LYS A 9 -10.05 -0.93 17.62
CA LYS A 9 -8.90 -0.14 18.05
C LYS A 9 -9.10 1.33 17.66
N PRO A 10 -8.81 2.25 18.57
CA PRO A 10 -9.13 3.68 18.38
C PRO A 10 -8.63 4.28 17.06
N LEU A 11 -7.43 3.91 16.61
CA LEU A 11 -6.90 4.51 15.39
C LEU A 11 -7.64 4.02 14.16
N ARG A 12 -8.22 2.83 14.26
CA ARG A 12 -8.92 2.24 13.12
C ARG A 12 -10.29 2.87 12.95
N LYS A 13 -10.94 3.14 14.07
CA LYS A 13 -12.19 3.89 14.09
C LYS A 13 -11.95 5.26 13.49
N ILE A 14 -10.87 5.90 13.90
CA ILE A 14 -10.55 7.21 13.34
C ILE A 14 -10.32 7.15 11.82
N SER A 15 -9.49 6.23 11.35
CA SER A 15 -9.14 6.22 9.93
C SER A 15 -10.34 5.92 9.06
N ALA A 16 -11.18 4.98 9.50
CA ALA A 16 -12.41 4.63 8.81
C ALA A 16 -13.35 5.82 8.66
N ALA A 17 -13.55 6.58 9.74
CA ALA A 17 -14.53 7.66 9.69
C ALA A 17 -14.05 8.82 8.82
N PHE A 18 -12.77 9.14 8.90
CA PHE A 18 -12.26 10.27 8.09
C PHE A 18 -12.05 9.95 6.61
N LYS A 19 -11.78 8.69 6.28
CA LYS A 19 -11.79 8.25 4.88
C LYS A 19 -13.10 8.64 4.23
N LYS A 20 -14.19 8.34 4.94
CA LYS A 20 -15.52 8.65 4.46
C LYS A 20 -15.73 10.15 4.24
N LEU A 21 -15.25 10.95 5.19
CA LEU A 21 -15.39 12.39 5.12
C LEU A 21 -14.57 12.93 3.96
N ALA A 22 -13.38 12.37 3.76
CA ALA A 22 -12.54 12.80 2.64
C ALA A 22 -13.27 12.61 1.29
N ILE A 23 -13.95 11.49 1.12
CA ILE A 23 -14.72 11.26 -0.10
C ILE A 23 -15.72 12.40 -0.36
N ILE A 24 -16.46 12.77 0.68
CA ILE A 24 -17.44 13.86 0.56
C ILE A 24 -16.80 15.17 0.13
N VAL A 25 -15.68 15.53 0.76
CA VAL A 25 -15.06 16.81 0.48
C VAL A 25 -14.29 16.84 -0.85
N ASN A 26 -13.94 15.67 -1.37
CA ASN A 26 -13.21 15.60 -2.62
C ASN A 26 -14.16 15.41 -3.79
N SER A 27 -15.46 15.52 -3.53
CA SER A 27 -16.46 15.41 -4.56
C SER A 27 -17.03 16.78 -4.92
N PRO A 28 -17.60 16.90 -6.12
CA PRO A 28 -18.32 18.12 -6.48
C PRO A 28 -19.44 18.38 -5.48
N ASN A 29 -19.71 19.65 -5.21
CA ASN A 29 -20.80 20.06 -4.32
C ASN A 29 -20.96 19.30 -2.99
N PRO A 30 -19.92 19.35 -2.15
CA PRO A 30 -19.96 18.55 -0.93
C PRO A 30 -20.95 19.09 0.08
N GLU A 31 -21.62 18.16 0.74
CA GLU A 31 -22.52 18.46 1.82
C GLU A 31 -22.05 17.63 3.01
N VAL A 32 -21.44 18.28 3.98
CA VAL A 32 -20.97 17.55 5.16
C VAL A 32 -22.01 17.64 6.27
N PRO A 33 -22.64 16.49 6.59
CA PRO A 33 -23.65 16.44 7.64
C PRO A 33 -23.00 16.67 9.00
N VAL A 34 -23.63 17.50 9.84
CA VAL A 34 -23.14 17.77 11.19
C VAL A 34 -23.11 16.50 12.07
N THR A 35 -24.08 15.60 11.90
CA THR A 35 -24.06 14.32 12.58
C THR A 35 -22.75 13.56 12.31
N GLN A 36 -22.47 13.34 11.03
CA GLN A 36 -21.34 12.53 10.62
C GLN A 36 -20.00 13.20 10.94
N PHE A 37 -19.95 14.51 10.82
CA PHE A 37 -18.70 15.22 11.09
C PHE A 37 -18.42 15.20 12.59
N SER A 38 -19.46 15.41 13.39
CA SER A 38 -19.30 15.46 14.83
C SER A 38 -18.99 14.10 15.44
N HIS A 39 -19.53 13.03 14.86
CA HIS A 39 -19.23 11.70 15.35
C HIS A 39 -17.75 11.35 15.10
N ALA A 40 -17.29 11.66 13.91
CA ALA A 40 -15.90 11.40 13.54
C ALA A 40 -14.98 12.18 14.49
N CYS A 41 -15.26 13.47 14.66
CA CYS A 41 -14.49 14.30 15.59
C CYS A 41 -14.46 13.75 17.02
N SER A 42 -15.54 13.10 17.46
CA SER A 42 -15.55 12.51 18.81
C SER A 42 -14.62 11.29 18.95
N LEU A 43 -14.28 10.66 17.84
CA LEU A 43 -13.40 9.50 17.87
C LEU A 43 -11.94 9.90 18.15
N VAL A 44 -11.65 11.19 17.94
CA VAL A 44 -10.31 11.72 18.11
C VAL A 44 -10.02 12.03 19.58
N SER A 45 -11.06 12.39 20.31
CA SER A 45 -10.95 12.73 21.73
C SER A 45 -10.09 11.79 22.59
N PRO A 46 -10.26 10.47 22.45
CA PRO A 46 -9.45 9.61 23.34
C PRO A 46 -7.94 9.79 23.15
N LEU A 47 -7.52 10.19 21.95
CA LEU A 47 -6.10 10.41 21.69
C LEU A 47 -5.49 11.42 22.65
N PHE A 48 -6.17 12.56 22.85
CA PHE A 48 -5.63 13.60 23.70
C PHE A 48 -5.39 13.06 25.12
N GLY A 49 -6.30 12.18 25.56
CA GLY A 49 -6.17 11.57 26.88
C GLY A 49 -4.96 10.64 26.99
N CYS A 50 -4.66 9.89 25.93
CA CYS A 50 -3.49 9.03 25.92
C CYS A 50 -2.18 9.83 26.05
N LEU A 51 -2.19 11.09 25.64
CA LEU A 51 -0.99 11.92 25.72
C LEU A 51 -0.71 12.45 27.12
N GLY A 52 -1.70 12.38 28.00
CA GLY A 52 -1.49 12.74 29.40
C GLY A 52 -1.84 14.17 29.78
N ILE A 53 -1.36 14.58 30.93
CA ILE A 53 -1.71 15.85 31.53
C ILE A 53 -1.41 17.06 30.64
N ALA A 54 -0.39 16.94 29.79
CA ALA A 54 -0.04 17.99 28.84
C ALA A 54 -1.24 18.43 28.02
N PHE A 55 -2.09 17.48 27.64
CA PHE A 55 -3.20 17.78 26.74
C PHE A 55 -4.57 17.84 27.42
N LYS A 56 -4.56 18.03 28.74
CA LYS A 56 -5.78 18.16 29.50
C LYS A 56 -6.61 19.35 29.01
N PHE A 57 -5.96 20.38 28.48
CA PHE A 57 -6.66 21.52 27.90
C PHE A 57 -7.71 21.11 26.87
N ALA A 58 -7.52 19.93 26.28
CA ALA A 58 -8.38 19.45 25.21
C ALA A 58 -9.85 19.23 25.64
N GLU A 59 -10.07 18.99 26.94
CA GLU A 59 -11.43 18.80 27.42
C GLU A 59 -12.25 20.07 27.14
N MET A 60 -11.78 21.22 27.63
CA MET A 60 -12.50 22.47 27.38
C MET A 60 -12.32 23.01 25.95
N ALA A 61 -11.14 22.75 25.38
CA ALA A 61 -10.82 23.31 24.07
C ALA A 61 -11.34 22.49 22.90
N TYR A 62 -11.53 21.19 23.11
CA TYR A 62 -11.90 20.34 21.98
C TYR A 62 -13.17 19.53 22.28
N VAL A 63 -13.17 18.78 23.38
CA VAL A 63 -14.31 17.92 23.71
C VAL A 63 -15.62 18.69 23.90
N ALA A 64 -15.59 19.78 24.66
CA ALA A 64 -16.78 20.63 24.83
C ALA A 64 -17.28 21.15 23.49
N LYS A 65 -16.35 21.35 22.56
CA LYS A 65 -16.71 21.91 21.27
C LYS A 65 -17.42 20.87 20.43
N VAL A 66 -16.84 19.67 20.37
CA VAL A 66 -17.46 18.55 19.67
C VAL A 66 -18.86 18.27 20.24
N ASP A 67 -18.96 18.26 21.57
CA ASP A 67 -20.24 18.09 22.29
C ASP A 67 -21.31 19.05 21.77
N ASP A 68 -20.94 20.31 21.58
CA ASP A 68 -21.86 21.32 21.05
C ASP A 68 -22.29 20.99 19.62
N LEU A 69 -21.35 20.52 18.80
CA LEU A 69 -21.69 20.15 17.42
C LEU A 69 -22.57 18.90 17.41
N VAL A 70 -22.36 18.01 18.38
CA VAL A 70 -23.19 16.83 18.52
C VAL A 70 -24.64 17.25 18.77
N ARG A 71 -24.79 18.20 19.68
CA ARG A 71 -26.07 18.79 20.03
C ARG A 71 -26.71 19.44 18.79
N ALA A 72 -25.98 20.36 18.18
CA ALA A 72 -26.39 21.02 16.94
C ALA A 72 -26.89 20.08 15.85
N SER A 73 -26.37 18.86 15.82
CA SER A 73 -26.59 17.97 14.69
C SER A 73 -28.01 17.39 14.61
N SER A 74 -28.76 17.49 15.68
CA SER A 74 -30.14 17.01 15.68
C SER A 74 -31.06 17.96 14.90
N SER A 75 -30.74 19.25 14.88
CA SER A 75 -31.59 20.23 14.23
C SER A 75 -30.97 20.93 13.02
N ILE A 76 -29.72 20.62 12.69
CA ILE A 76 -29.05 21.35 11.60
C ILE A 76 -28.42 20.36 10.62
N SER A 77 -28.74 20.49 9.34
CA SER A 77 -28.32 19.50 8.35
C SER A 77 -26.81 19.46 8.08
N THR A 78 -26.26 20.55 7.54
CA THR A 78 -24.85 20.56 7.12
C THR A 78 -24.02 21.65 7.81
N LEU A 79 -22.69 21.53 7.72
CA LEU A 79 -21.81 22.53 8.28
C LEU A 79 -22.00 23.89 7.61
N VAL A 80 -22.27 23.89 6.31
CA VAL A 80 -22.54 25.13 5.58
C VAL A 80 -23.80 25.83 6.14
N VAL A 81 -24.86 25.07 6.35
CA VAL A 81 -26.12 25.60 6.84
C VAL A 81 -25.90 26.10 8.26
N MET A 82 -25.13 25.35 9.02
CA MET A 82 -24.78 25.74 10.40
C MET A 82 -24.07 27.07 10.46
N MET A 83 -23.06 27.25 9.61
CA MET A 83 -22.32 28.50 9.50
C MET A 83 -23.21 29.65 8.99
N ASP A 84 -24.06 29.38 8.01
CA ASP A 84 -24.92 30.43 7.44
C ASP A 84 -25.93 30.96 8.44
N LYS A 85 -26.42 30.08 9.31
CA LYS A 85 -27.33 30.46 10.39
C LYS A 85 -26.65 31.42 11.35
N ASP A 86 -25.40 31.14 11.70
CA ASP A 86 -24.66 31.99 12.64
C ASP A 86 -24.33 33.34 12.01
N ILE A 87 -24.09 33.33 10.70
CA ILE A 87 -23.85 34.56 9.96
C ILE A 87 -25.13 35.41 9.92
N GLU A 88 -26.26 34.78 9.65
CA GLU A 88 -27.53 35.48 9.56
C GLU A 88 -27.88 36.11 10.91
N ALA A 89 -27.69 35.34 11.98
CA ALA A 89 -27.92 35.80 13.34
C ALA A 89 -26.86 36.78 13.86
N ASP A 90 -25.82 37.02 13.07
CA ASP A 90 -24.71 37.88 13.46
C ASP A 90 -24.03 37.42 14.76
N CYS A 91 -23.88 36.11 14.93
CA CYS A 91 -23.27 35.61 16.16
C CYS A 91 -22.07 34.70 15.92
N VAL A 92 -21.35 34.94 14.83
CA VAL A 92 -20.22 34.09 14.42
C VAL A 92 -19.11 33.96 15.46
N ARG A 93 -18.61 35.10 15.94
CA ARG A 93 -17.52 35.11 16.93
C ARG A 93 -17.97 35.05 18.38
N LYS A 94 -19.27 35.00 18.62
CA LYS A 94 -19.80 34.90 19.98
C LYS A 94 -19.31 33.64 20.69
N ALA A 95 -18.94 33.77 21.96
CA ALA A 95 -18.57 32.61 22.78
C ALA A 95 -19.65 31.54 22.71
N GLY A 96 -19.23 30.31 22.43
CA GLY A 96 -20.15 29.19 22.34
C GLY A 96 -20.96 29.07 21.05
N SER A 97 -20.77 29.96 20.10
CA SER A 97 -21.44 29.78 18.81
C SER A 97 -20.95 28.48 18.16
N HIS A 98 -21.82 27.83 17.39
CA HIS A 98 -21.43 26.66 16.64
C HIS A 98 -20.21 26.92 15.74
N THR A 99 -20.16 28.11 15.14
CA THR A 99 -19.11 28.43 14.19
C THR A 99 -17.78 28.65 14.89
N ARG A 100 -17.80 29.33 16.03
CA ARG A 100 -16.58 29.52 16.78
C ARG A 100 -16.06 28.16 17.19
N ASN A 101 -16.98 27.29 17.60
CA ASN A 101 -16.66 25.96 18.04
C ASN A 101 -16.07 25.09 16.93
N LEU A 102 -16.64 25.23 15.73
CA LEU A 102 -16.17 24.54 14.54
C LEU A 102 -14.70 24.89 14.25
N LEU A 103 -14.37 26.17 14.39
CA LEU A 103 -13.03 26.64 14.11
C LEU A 103 -12.01 25.99 15.05
N ARG A 104 -12.42 25.79 16.30
CA ARG A 104 -11.54 25.20 17.30
C ARG A 104 -11.45 23.70 17.10
N VAL A 105 -12.55 23.10 16.66
CA VAL A 105 -12.52 21.68 16.34
C VAL A 105 -11.53 21.43 15.18
N LYS A 106 -11.61 22.28 14.16
CA LYS A 106 -10.69 22.27 13.04
C LYS A 106 -9.23 22.30 13.53
N ARG A 107 -8.92 23.20 14.47
CA ARG A 107 -7.58 23.24 15.05
C ARG A 107 -7.17 21.93 15.74
N GLY A 108 -8.11 21.32 16.46
CA GLY A 108 -7.87 20.03 17.08
C GLY A 108 -7.54 18.95 16.04
N LEU A 109 -8.35 18.87 14.99
CA LEU A 109 -8.07 17.94 13.90
C LEU A 109 -6.67 18.18 13.31
N ASP A 110 -6.35 19.45 13.06
CA ASP A 110 -5.04 19.83 12.53
C ASP A 110 -3.87 19.43 13.43
N MET A 111 -4.00 19.65 14.74
CA MET A 111 -2.93 19.31 15.66
C MET A 111 -2.68 17.81 15.64
N VAL A 112 -3.74 17.01 15.57
CA VAL A 112 -3.58 15.56 15.51
C VAL A 112 -2.94 15.11 14.20
N LYS A 113 -3.27 15.82 13.13
CA LYS A 113 -2.66 15.56 11.83
C LYS A 113 -1.15 15.81 11.89
N VAL A 114 -0.76 16.98 12.40
CA VAL A 114 0.64 17.33 12.47
C VAL A 114 1.37 16.38 13.43
N LEU A 115 0.72 16.06 14.55
CA LEU A 115 1.30 15.12 15.51
C LEU A 115 1.65 13.79 14.85
N PHE A 116 0.70 13.24 14.10
CA PHE A 116 0.88 11.96 13.43
C PHE A 116 2.02 12.04 12.40
N GLU A 117 2.00 13.09 11.58
CA GLU A 117 3.09 13.34 10.62
C GLU A 117 4.46 13.33 11.29
N GLN A 118 4.55 13.93 12.46
CA GLN A 118 5.82 14.01 13.18
C GLN A 118 6.18 12.69 13.83
N ILE A 119 5.18 11.95 14.30
CA ILE A 119 5.43 10.63 14.85
C ILE A 119 5.96 9.70 13.74
N ILE A 120 5.36 9.79 12.56
CA ILE A 120 5.81 8.99 11.42
C ILE A 120 7.25 9.38 11.03
N ALA A 121 7.49 10.67 10.87
CA ALA A 121 8.82 11.20 10.54
C ALA A 121 9.92 10.87 11.55
N SER A 122 9.56 10.56 12.79
CA SER A 122 10.58 10.33 13.81
C SER A 122 10.63 8.87 14.31
N GLU A 123 10.21 7.96 13.43
CA GLU A 123 10.29 6.52 13.66
C GLU A 123 11.72 6.15 14.06
N GLY A 124 11.88 5.42 15.17
CA GLY A 124 13.21 5.15 15.66
C GLY A 124 13.60 5.97 16.89
N ASP A 125 12.83 7.00 17.19
CA ASP A 125 13.01 7.77 18.43
C ASP A 125 11.83 7.39 19.34
N ASN A 126 12.14 6.78 20.48
CA ASN A 126 11.11 6.31 21.41
C ASN A 126 10.51 7.43 22.26
N SER A 127 10.99 8.64 22.06
CA SER A 127 10.42 9.80 22.75
C SER A 127 9.39 10.51 21.89
N LEU A 128 8.26 10.88 22.50
CA LEU A 128 7.22 11.66 21.82
C LEU A 128 7.38 13.16 22.02
N LYS A 129 8.47 13.59 22.64
CA LYS A 129 8.64 15.00 23.00
C LYS A 129 8.62 15.97 21.81
N ASP A 130 9.45 15.70 20.80
CA ASP A 130 9.48 16.56 19.62
C ASP A 130 8.13 16.59 18.90
N PRO A 131 7.59 15.41 18.54
CA PRO A 131 6.31 15.47 17.84
C PRO A 131 5.21 16.21 18.62
N ALA A 132 5.13 16.00 19.94
CA ALA A 132 4.11 16.67 20.75
C ALA A 132 4.37 18.18 20.84
N THR A 133 5.63 18.55 21.01
CA THR A 133 6.02 19.95 21.13
C THR A 133 5.83 20.71 19.82
N LYS A 134 6.31 20.12 18.73
CA LYS A 134 6.18 20.68 17.39
C LYS A 134 4.72 20.93 17.00
N SER A 135 3.88 19.91 17.14
CA SER A 135 2.51 20.05 16.67
C SER A 135 1.75 21.04 17.52
N TYR A 136 1.93 20.98 18.83
CA TYR A 136 1.31 21.96 19.72
C TYR A 136 1.80 23.38 19.35
N ALA A 137 3.08 23.52 19.07
CA ALA A 137 3.63 24.83 18.72
C ALA A 137 3.05 25.35 17.40
N GLN A 138 2.98 24.48 16.40
CA GLN A 138 2.45 24.88 15.11
C GLN A 138 0.97 25.27 15.22
N VAL A 139 0.17 24.44 15.86
CA VAL A 139 -1.29 24.57 15.77
C VAL A 139 -1.97 25.39 16.88
N PHE A 140 -1.65 25.10 18.14
CA PHE A 140 -2.36 25.72 19.27
C PHE A 140 -1.65 26.89 19.96
N ALA A 141 -0.32 26.82 20.09
CA ALA A 141 0.43 27.87 20.78
C ALA A 141 0.06 29.32 20.39
N PRO A 142 -0.13 29.60 19.08
CA PRO A 142 -0.48 30.98 18.73
C PRO A 142 -1.85 31.43 19.25
N HIS A 143 -2.68 30.52 19.77
CA HIS A 143 -3.99 30.94 20.27
C HIS A 143 -4.19 30.75 21.76
N HIS A 144 -3.23 30.13 22.43
CA HIS A 144 -3.39 29.94 23.86
C HIS A 144 -2.61 30.99 24.66
N GLY A 145 -3.19 31.40 25.78
CA GLY A 145 -2.52 32.33 26.68
C GLY A 145 -1.32 31.70 27.38
N TRP A 146 -0.53 32.57 28.00
CA TRP A 146 0.72 32.22 28.67
C TRP A 146 0.62 31.03 29.63
N ALA A 147 -0.38 31.03 30.52
CA ALA A 147 -0.49 30.00 31.54
C ALA A 147 -0.72 28.62 30.95
N ILE A 148 -1.62 28.55 29.99
CA ILE A 148 -1.86 27.31 29.28
C ILE A 148 -0.60 26.82 28.56
N ARG A 149 0.06 27.70 27.82
CA ARG A 149 1.27 27.28 27.12
C ARG A 149 2.36 26.78 28.08
N LYS A 150 2.46 27.43 29.25
CA LYS A 150 3.49 27.03 30.21
C LYS A 150 3.13 25.68 30.81
N ALA A 151 1.84 25.50 31.10
CA ALA A 151 1.34 24.26 31.69
C ALA A 151 1.55 23.11 30.73
N VAL A 152 1.24 23.32 29.45
CA VAL A 152 1.44 22.31 28.43
C VAL A 152 2.91 21.90 28.36
N SER A 153 3.81 22.89 28.26
CA SER A 153 5.24 22.63 28.22
C SER A 153 5.74 21.77 29.40
N LEU A 154 5.23 22.06 30.59
CA LEU A 154 5.59 21.32 31.78
C LEU A 154 5.06 19.90 31.69
N GLY A 155 3.81 19.78 31.24
CA GLY A 155 3.19 18.48 31.05
C GLY A 155 3.87 17.58 30.04
N MET A 156 4.75 18.15 29.21
CA MET A 156 5.48 17.33 28.26
C MET A 156 6.38 16.27 28.94
N TYR A 157 6.77 16.50 30.19
CA TYR A 157 7.58 15.52 30.90
C TYR A 157 6.76 14.30 31.28
N ALA A 158 5.44 14.43 31.18
CA ALA A 158 4.55 13.34 31.57
C ALA A 158 4.05 12.53 30.38
N LEU A 159 4.53 12.83 29.18
CA LEU A 159 4.12 12.08 27.98
C LEU A 159 4.46 10.62 28.16
N PRO A 160 3.63 9.74 27.63
CA PRO A 160 4.05 8.34 27.56
C PRO A 160 5.19 8.21 26.57
N THR A 161 5.96 7.12 26.66
CA THR A 161 6.97 6.86 25.65
C THR A 161 6.22 6.45 24.41
N ARG A 162 6.92 6.48 23.29
CA ARG A 162 6.33 6.07 22.03
C ARG A 162 5.80 4.64 22.10
N ALA A 163 6.59 3.75 22.68
CA ALA A 163 6.18 2.36 22.80
C ALA A 163 4.94 2.20 23.73
N HIS A 164 4.90 2.97 24.79
CA HIS A 164 3.78 2.95 25.74
C HIS A 164 2.50 3.38 25.03
N LEU A 165 2.59 4.46 24.28
CA LEU A 165 1.43 4.96 23.52
C LEU A 165 0.86 3.92 22.57
N LEU A 166 1.74 3.25 21.81
CA LEU A 166 1.29 2.25 20.84
C LEU A 166 0.55 1.16 21.58
N ASN A 167 1.08 0.82 22.76
CA ASN A 167 0.48 -0.17 23.62
C ASN A 167 -0.94 0.27 24.06
N MET A 168 -1.09 1.54 24.44
CA MET A 168 -2.39 2.05 24.87
C MET A 168 -3.40 2.03 23.72
N LEU A 169 -2.93 2.31 22.52
CA LEU A 169 -3.80 2.32 21.33
C LEU A 169 -3.98 0.92 20.76
N LYS A 170 -3.27 -0.04 21.35
CA LYS A 170 -3.42 -1.47 21.02
C LYS A 170 -2.96 -1.83 19.61
N GLU A 171 -1.81 -1.32 19.23
CA GLU A 171 -1.26 -1.56 17.89
C GLU A 171 0.25 -1.77 17.96
N ASP A 172 0.82 -2.43 16.96
CA ASP A 172 2.28 -2.44 16.80
C ASP A 172 2.70 -1.29 15.88
N GLU A 173 4.00 -1.09 15.72
CA GLU A 173 4.53 0.01 14.92
C GLU A 173 4.06 0.05 13.47
N ALA A 174 3.94 -1.13 12.85
CA ALA A 174 3.59 -1.18 11.43
C ALA A 174 2.12 -0.81 11.20
N ALA A 175 1.25 -1.36 12.03
CA ALA A 175 -0.17 -1.12 11.88
C ALA A 175 -0.53 0.35 12.24
N ALA A 176 0.05 0.85 13.32
CA ALA A 176 -0.20 2.23 13.74
C ALA A 176 0.23 3.20 12.68
N LYS A 177 1.34 2.89 12.02
CA LYS A 177 1.86 3.74 10.94
C LYS A 177 0.85 3.91 9.82
N ILE A 178 0.23 2.80 9.40
CA ILE A 178 -0.76 2.82 8.32
C ILE A 178 -1.97 3.65 8.68
N HIS A 179 -2.50 3.43 9.87
CA HIS A 179 -3.71 4.13 10.29
C HIS A 179 -3.47 5.62 10.52
N MET A 180 -2.28 5.98 11.00
CA MET A 180 -1.95 7.39 11.20
C MET A 180 -1.77 8.08 9.86
N GLN A 181 -1.11 7.41 8.92
CA GLN A 181 -0.91 7.96 7.60
C GLN A 181 -2.27 8.15 6.91
N SER A 182 -3.17 7.20 7.11
CA SER A 182 -4.50 7.29 6.55
C SER A 182 -5.27 8.52 7.07
N TYR A 183 -5.19 8.77 8.37
CA TYR A 183 -5.82 9.96 8.95
C TYR A 183 -5.18 11.21 8.38
N VAL A 184 -3.86 11.21 8.27
CA VAL A 184 -3.13 12.34 7.70
C VAL A 184 -3.61 12.66 6.29
N ASN A 185 -3.78 11.62 5.46
CA ASN A 185 -4.22 11.80 4.08
C ASN A 185 -5.69 12.23 3.97
N SER A 186 -6.54 11.65 4.82
CA SER A 186 -7.96 11.96 4.82
C SER A 186 -8.27 13.33 5.41
N SER A 187 -7.54 13.70 6.45
CA SER A 187 -7.92 14.89 7.23
C SER A 187 -7.45 16.13 6.50
N ALA A 188 -6.38 16.01 5.71
CA ALA A 188 -5.84 17.16 5.00
C ALA A 188 -6.87 17.90 4.10
N PRO A 189 -7.62 17.16 3.25
CA PRO A 189 -8.57 17.92 2.43
C PRO A 189 -9.76 18.41 3.25
N LEU A 190 -10.04 17.73 4.36
CA LEU A 190 -11.13 18.14 5.24
C LEU A 190 -10.82 19.47 5.94
N ILE A 191 -9.60 19.56 6.47
CA ILE A 191 -9.12 20.78 7.09
C ILE A 191 -9.11 21.94 6.07
N THR A 192 -8.64 21.66 4.86
CA THR A 192 -8.67 22.62 3.77
C THR A 192 -10.11 23.05 3.44
N TYR A 193 -11.01 22.09 3.35
CA TYR A 193 -12.41 22.38 3.10
C TYR A 193 -12.95 23.34 4.17
N LEU A 194 -12.61 23.07 5.43
CA LEU A 194 -13.13 23.85 6.55
C LEU A 194 -12.54 25.25 6.52
N ASP A 195 -11.22 25.35 6.39
CA ASP A 195 -10.59 26.67 6.26
C ASP A 195 -11.28 27.50 5.16
N ASN A 196 -11.52 26.89 4.01
CA ASN A 196 -12.09 27.61 2.88
C ASN A 196 -13.53 28.08 3.07
N LEU A 197 -14.32 27.32 3.83
CA LEU A 197 -15.65 27.79 4.26
C LEU A 197 -15.54 29.11 5.03
N PHE A 198 -14.60 29.19 5.98
CA PHE A 198 -14.42 30.43 6.74
C PHE A 198 -13.91 31.55 5.84
N LEU A 199 -12.90 31.24 5.02
CA LEU A 199 -12.26 32.22 4.17
C LEU A 199 -13.22 32.78 3.14
N SER A 200 -14.00 31.90 2.52
CA SER A 200 -14.93 32.30 1.46
C SER A 200 -16.11 33.14 1.97
N LYS A 201 -16.40 33.04 3.26
CA LYS A 201 -17.48 33.81 3.87
C LYS A 201 -16.94 35.04 4.59
N GLN A 202 -15.67 35.34 4.34
CA GLN A 202 -15.01 36.55 4.84
C GLN A 202 -14.94 36.61 6.37
N LEU A 203 -14.81 35.45 7.01
CA LEU A 203 -14.80 35.34 8.45
C LEU A 203 -13.39 35.28 9.03
N GLY A 204 -12.42 34.88 8.21
CA GLY A 204 -11.08 34.64 8.71
C GLY A 204 -10.95 33.31 9.46
N ILE A 205 -9.71 32.88 9.73
CA ILE A 205 -9.49 31.66 10.50
C ILE A 205 -8.54 31.86 11.69
N ASP A 206 -8.13 33.10 11.95
CA ASP A 206 -7.12 33.33 12.99
C ASP A 206 -7.67 33.87 14.30
N TRP A 207 -8.97 33.73 14.53
CA TRP A 207 -9.59 34.33 15.71
C TRP A 207 -10.11 33.26 16.70
N ALA B 7 1.49 7.07 -24.62
CA ALA B 7 1.69 6.50 -23.29
C ALA B 7 0.37 6.28 -22.55
N ASP B 8 -0.36 5.24 -22.94
CA ASP B 8 -1.59 4.90 -22.23
C ASP B 8 -1.41 3.69 -21.32
N LYS B 9 -0.85 3.98 -20.14
CA LYS B 9 -0.48 3.02 -19.13
C LYS B 9 -1.73 2.62 -18.32
N PRO B 10 -1.81 1.34 -17.89
CA PRO B 10 -2.99 0.73 -17.25
C PRO B 10 -3.67 1.59 -16.19
N LEU B 11 -2.91 2.17 -15.28
CA LEU B 11 -3.51 2.92 -14.17
C LEU B 11 -4.15 4.21 -14.61
N ARG B 12 -3.66 4.77 -15.72
CA ARG B 12 -4.17 6.04 -16.23
C ARG B 12 -5.45 5.83 -17.04
N LYS B 13 -5.47 4.80 -17.88
CA LYS B 13 -6.70 4.39 -18.53
C LYS B 13 -7.79 4.15 -17.49
N ILE B 14 -7.45 3.42 -16.41
CA ILE B 14 -8.39 3.19 -15.31
C ILE B 14 -8.89 4.50 -14.69
N SER B 15 -7.99 5.42 -14.37
CA SER B 15 -8.42 6.63 -13.68
C SER B 15 -9.24 7.52 -14.60
N ALA B 16 -8.85 7.60 -15.87
CA ALA B 16 -9.61 8.36 -16.87
C ALA B 16 -11.05 7.85 -17.08
N ALA B 17 -11.22 6.53 -17.24
CA ALA B 17 -12.56 5.95 -17.46
C ALA B 17 -13.46 6.10 -16.24
N PHE B 18 -12.93 5.85 -15.05
CA PHE B 18 -13.76 5.86 -13.86
C PHE B 18 -14.08 7.28 -13.40
N LYS B 19 -13.23 8.24 -13.77
CA LYS B 19 -13.48 9.64 -13.50
C LYS B 19 -14.74 10.12 -14.23
N LYS B 20 -14.92 9.67 -15.47
CA LYS B 20 -16.15 9.98 -16.21
C LYS B 20 -17.40 9.36 -15.60
N LEU B 21 -17.30 8.10 -15.18
CA LEU B 21 -18.45 7.45 -14.53
C LEU B 21 -18.83 8.13 -13.20
N ALA B 22 -17.82 8.67 -12.48
CA ALA B 22 -18.07 9.31 -11.19
C ALA B 22 -18.89 10.58 -11.38
N ILE B 23 -18.59 11.33 -12.43
CA ILE B 23 -19.32 12.55 -12.76
C ILE B 23 -20.78 12.22 -13.04
N ILE B 24 -21.00 11.16 -13.79
CA ILE B 24 -22.35 10.70 -14.10
C ILE B 24 -23.14 10.31 -12.84
N VAL B 25 -22.57 9.47 -11.98
CA VAL B 25 -23.29 9.05 -10.79
C VAL B 25 -23.37 10.13 -9.72
N ASN B 26 -22.42 11.07 -9.71
CA ASN B 26 -22.45 12.19 -8.75
C ASN B 26 -23.42 13.32 -9.13
N SER B 27 -24.16 13.13 -10.22
CA SER B 27 -25.04 14.16 -10.75
C SER B 27 -26.48 13.68 -10.71
N PRO B 28 -27.44 14.63 -10.79
CA PRO B 28 -28.85 14.24 -10.69
C PRO B 28 -29.24 13.32 -11.82
N ASN B 29 -30.11 12.35 -11.52
CA ASN B 29 -30.67 11.41 -12.49
C ASN B 29 -29.64 10.63 -13.31
N PRO B 30 -28.72 9.95 -12.64
CA PRO B 30 -27.63 9.32 -13.38
C PRO B 30 -28.13 8.26 -14.36
N GLU B 31 -27.57 8.28 -15.56
CA GLU B 31 -27.82 7.24 -16.55
C GLU B 31 -26.51 6.61 -16.97
N VAL B 32 -26.28 5.37 -16.58
CA VAL B 32 -24.99 4.70 -16.83
C VAL B 32 -25.08 3.69 -17.96
N PRO B 33 -24.54 4.03 -19.14
CA PRO B 33 -24.54 3.11 -20.29
C PRO B 33 -23.75 1.83 -19.97
N VAL B 34 -24.27 0.68 -20.38
CA VAL B 34 -23.60 -0.58 -20.14
C VAL B 34 -22.30 -0.63 -20.93
N THR B 35 -22.31 -0.04 -22.12
CA THR B 35 -21.11 -0.01 -22.94
C THR B 35 -20.00 0.62 -22.14
N GLN B 36 -20.25 1.84 -21.67
CA GLN B 36 -19.28 2.63 -20.93
C GLN B 36 -18.78 1.98 -19.63
N PHE B 37 -19.73 1.48 -18.84
CA PHE B 37 -19.43 0.85 -17.56
C PHE B 37 -18.62 -0.44 -17.75
N SER B 38 -19.05 -1.30 -18.67
CA SER B 38 -18.36 -2.54 -18.94
C SER B 38 -16.98 -2.26 -19.54
N HIS B 39 -16.86 -1.18 -20.30
CA HIS B 39 -15.52 -0.89 -20.79
C HIS B 39 -14.57 -0.49 -19.67
N ALA B 40 -15.06 0.36 -18.76
CA ALA B 40 -14.22 0.78 -17.63
C ALA B 40 -13.82 -0.45 -16.78
N CYS B 41 -14.74 -1.40 -16.61
CA CYS B 41 -14.47 -2.56 -15.78
C CYS B 41 -13.44 -3.49 -16.42
N SER B 42 -13.47 -3.61 -17.75
CA SER B 42 -12.47 -4.44 -18.43
C SER B 42 -11.06 -3.89 -18.24
N LEU B 43 -10.95 -2.60 -17.95
CA LEU B 43 -9.63 -1.98 -17.78
C LEU B 43 -8.97 -2.38 -16.46
N VAL B 44 -9.81 -2.82 -15.53
CA VAL B 44 -9.38 -3.27 -14.20
C VAL B 44 -8.88 -4.72 -14.21
N SER B 45 -9.47 -5.56 -15.08
CA SER B 45 -9.10 -6.98 -15.18
C SER B 45 -7.60 -7.33 -15.15
N PRO B 46 -6.76 -6.63 -15.91
CA PRO B 46 -5.32 -6.93 -15.88
C PRO B 46 -4.69 -6.85 -14.48
N LEU B 47 -5.13 -5.92 -13.65
CA LEU B 47 -4.61 -5.79 -12.28
C LEU B 47 -4.67 -7.11 -11.52
N PHE B 48 -5.74 -7.87 -11.72
CA PHE B 48 -5.86 -9.13 -11.00
C PHE B 48 -4.75 -10.10 -11.45
N GLY B 49 -4.40 -10.06 -12.72
CA GLY B 49 -3.37 -10.95 -13.24
C GLY B 49 -2.03 -10.60 -12.63
N CYS B 50 -1.76 -9.30 -12.50
CA CYS B 50 -0.53 -8.79 -11.91
C CYS B 50 -0.28 -9.30 -10.51
N LEU B 51 -1.35 -9.58 -9.78
CA LEU B 51 -1.22 -10.05 -8.41
C LEU B 51 -0.86 -11.54 -8.29
N GLY B 52 -0.85 -12.26 -9.42
CA GLY B 52 -0.40 -13.65 -9.42
C GLY B 52 -1.40 -14.66 -8.91
N ILE B 53 -0.89 -15.80 -8.44
CA ILE B 53 -1.70 -17.01 -8.22
C ILE B 53 -2.81 -16.88 -7.17
N ALA B 54 -2.58 -16.09 -6.11
CA ALA B 54 -3.58 -15.94 -5.06
C ALA B 54 -4.90 -15.42 -5.62
N PHE B 55 -4.82 -14.57 -6.66
CA PHE B 55 -6.02 -13.99 -7.26
C PHE B 55 -6.49 -14.65 -8.57
N LYS B 56 -6.01 -15.86 -8.83
CA LYS B 56 -6.47 -16.60 -10.00
C LYS B 56 -7.98 -16.76 -10.00
N PHE B 57 -8.59 -16.72 -8.82
CA PHE B 57 -10.04 -16.87 -8.73
C PHE B 57 -10.76 -15.74 -9.46
N ALA B 58 -10.07 -14.63 -9.67
CA ALA B 58 -10.68 -13.48 -10.35
C ALA B 58 -11.04 -13.76 -11.82
N GLU B 59 -10.44 -14.80 -12.39
CA GLU B 59 -10.77 -15.14 -13.77
C GLU B 59 -12.26 -15.47 -13.86
N MET B 60 -12.75 -16.34 -12.97
CA MET B 60 -14.15 -16.70 -12.98
C MET B 60 -15.00 -15.71 -12.20
N ALA B 61 -14.43 -15.16 -11.13
CA ALA B 61 -15.18 -14.27 -10.23
C ALA B 61 -15.40 -12.87 -10.81
N TYR B 62 -14.49 -12.43 -11.65
CA TYR B 62 -14.53 -11.06 -12.17
C TYR B 62 -14.44 -10.98 -13.69
N VAL B 63 -13.38 -11.52 -14.28
CA VAL B 63 -13.14 -11.36 -15.71
C VAL B 63 -14.26 -11.95 -16.57
N ALA B 64 -14.73 -13.14 -16.21
CA ALA B 64 -15.81 -13.77 -16.94
C ALA B 64 -17.07 -12.95 -16.83
N LYS B 65 -17.22 -12.28 -15.69
CA LYS B 65 -18.41 -11.48 -15.43
C LYS B 65 -18.40 -10.21 -16.26
N VAL B 66 -17.26 -9.53 -16.31
CA VAL B 66 -17.12 -8.35 -17.15
C VAL B 66 -17.35 -8.70 -18.64
N ASP B 67 -16.84 -9.86 -19.08
CA ASP B 67 -17.07 -10.34 -20.45
C ASP B 67 -18.56 -10.45 -20.74
N ASP B 68 -19.33 -10.95 -19.78
CA ASP B 68 -20.78 -11.05 -19.91
C ASP B 68 -21.44 -9.69 -20.08
N LEU B 69 -21.00 -8.69 -19.31
CA LEU B 69 -21.58 -7.36 -19.38
C LEU B 69 -21.20 -6.66 -20.68
N VAL B 70 -19.99 -6.92 -21.15
CA VAL B 70 -19.51 -6.34 -22.40
C VAL B 70 -20.40 -6.86 -23.51
N ARG B 71 -20.76 -8.12 -23.40
CA ARG B 71 -21.64 -8.75 -24.37
C ARG B 71 -23.06 -8.18 -24.28
N ALA B 72 -23.57 -7.98 -23.06
CA ALA B 72 -24.90 -7.40 -22.87
C ALA B 72 -24.96 -5.95 -23.36
N SER B 73 -23.83 -5.26 -23.34
CA SER B 73 -23.80 -3.83 -23.66
C SER B 73 -24.24 -3.58 -25.10
N SER B 74 -24.10 -4.62 -25.91
CA SER B 74 -24.46 -4.60 -27.31
C SER B 74 -25.97 -4.41 -27.48
N SER B 75 -26.74 -5.04 -26.61
CA SER B 75 -28.20 -5.06 -26.76
C SER B 75 -28.95 -4.21 -25.74
N ILE B 76 -28.35 -3.94 -24.58
CA ILE B 76 -29.02 -3.25 -23.48
C ILE B 76 -28.44 -1.85 -23.21
N SER B 77 -29.32 -0.86 -23.05
CA SER B 77 -28.90 0.53 -22.94
C SER B 77 -28.15 0.92 -21.65
N THR B 78 -28.84 0.89 -20.51
CA THR B 78 -28.23 1.30 -19.24
C THR B 78 -28.28 0.18 -18.21
N LEU B 79 -27.56 0.34 -17.11
CA LEU B 79 -27.58 -0.63 -16.01
C LEU B 79 -28.97 -0.84 -15.39
N VAL B 80 -29.70 0.26 -15.22
CA VAL B 80 -31.04 0.20 -14.63
C VAL B 80 -31.96 -0.67 -15.50
N VAL B 81 -31.98 -0.37 -16.79
CA VAL B 81 -32.75 -1.15 -17.74
C VAL B 81 -32.34 -2.60 -17.68
N MET B 82 -31.04 -2.84 -17.57
CA MET B 82 -30.51 -4.19 -17.53
C MET B 82 -31.13 -4.92 -16.35
N MET B 83 -31.10 -4.28 -15.18
CA MET B 83 -31.67 -4.90 -13.97
C MET B 83 -33.19 -5.01 -14.04
N ASP B 84 -33.85 -4.03 -14.66
CA ASP B 84 -35.30 -4.04 -14.71
C ASP B 84 -35.78 -5.22 -15.54
N LYS B 85 -35.00 -5.56 -16.57
CA LYS B 85 -35.31 -6.69 -17.42
C LYS B 85 -35.18 -8.04 -16.69
N ASP B 86 -34.26 -8.13 -15.73
CA ASP B 86 -34.06 -9.38 -15.00
C ASP B 86 -35.16 -9.58 -13.95
N ILE B 87 -35.55 -8.49 -13.30
CA ILE B 87 -36.61 -8.56 -12.31
C ILE B 87 -37.90 -8.97 -13.02
N GLU B 88 -38.12 -8.41 -14.21
CA GLU B 88 -39.33 -8.70 -14.99
C GLU B 88 -39.29 -10.11 -15.55
N ALA B 89 -38.12 -10.75 -15.52
CA ALA B 89 -37.99 -12.13 -15.97
C ALA B 89 -37.82 -13.07 -14.79
N ASP B 90 -37.68 -12.50 -13.61
CA ASP B 90 -37.48 -13.26 -12.37
C ASP B 90 -36.28 -14.20 -12.47
N CYS B 91 -35.16 -13.67 -12.96
CA CYS B 91 -33.94 -14.47 -13.10
C CYS B 91 -32.78 -13.78 -12.38
N VAL B 92 -33.13 -12.83 -11.51
CA VAL B 92 -32.15 -11.98 -10.85
C VAL B 92 -31.00 -12.79 -10.24
N ARG B 93 -31.33 -13.81 -9.47
CA ARG B 93 -30.30 -14.58 -8.79
C ARG B 93 -29.88 -15.82 -9.57
N LYS B 94 -30.46 -16.03 -10.74
CA LYS B 94 -30.08 -17.17 -11.57
C LYS B 94 -28.64 -17.04 -12.08
N ALA B 95 -27.92 -18.14 -12.08
CA ALA B 95 -26.56 -18.20 -12.61
C ALA B 95 -26.48 -17.60 -14.01
N GLY B 96 -25.50 -16.72 -14.21
CA GLY B 96 -25.22 -16.15 -15.52
C GLY B 96 -26.08 -14.98 -15.93
N SER B 97 -27.00 -14.56 -15.06
CA SER B 97 -27.83 -13.40 -15.36
C SER B 97 -26.97 -12.14 -15.27
N HIS B 98 -27.36 -11.09 -15.98
CA HIS B 98 -26.56 -9.89 -16.02
C HIS B 98 -26.49 -9.22 -14.64
N THR B 99 -27.61 -9.27 -13.93
CA THR B 99 -27.72 -8.64 -12.62
C THR B 99 -26.85 -9.33 -11.58
N ARG B 100 -26.89 -10.65 -11.59
CA ARG B 100 -26.02 -11.43 -10.71
C ARG B 100 -24.54 -11.14 -11.00
N ASN B 101 -24.18 -11.11 -12.27
CA ASN B 101 -22.81 -10.76 -12.66
C ASN B 101 -22.44 -9.32 -12.30
N LEU B 102 -23.41 -8.40 -12.38
CA LEU B 102 -23.16 -7.01 -12.03
C LEU B 102 -22.78 -6.94 -10.56
N LEU B 103 -23.47 -7.72 -9.74
CA LEU B 103 -23.20 -7.75 -8.31
C LEU B 103 -21.77 -8.22 -8.04
N ARG B 104 -21.35 -9.27 -8.73
CA ARG B 104 -19.97 -9.76 -8.57
C ARG B 104 -18.95 -8.76 -9.12
N VAL B 105 -19.27 -8.10 -10.23
CA VAL B 105 -18.40 -7.08 -10.77
C VAL B 105 -18.21 -5.94 -9.76
N LYS B 106 -19.31 -5.51 -9.14
CA LYS B 106 -19.28 -4.52 -8.07
C LYS B 106 -18.33 -4.93 -6.96
N ARG B 107 -18.37 -6.19 -6.57
CA ARG B 107 -17.43 -6.66 -5.56
C ARG B 107 -15.96 -6.54 -6.02
N GLY B 108 -15.71 -6.84 -7.28
CA GLY B 108 -14.34 -6.78 -7.78
C GLY B 108 -13.84 -5.35 -7.78
N LEU B 109 -14.73 -4.40 -8.11
CA LEU B 109 -14.35 -2.98 -8.10
C LEU B 109 -14.02 -2.54 -6.68
N ASP B 110 -14.81 -3.03 -5.74
CA ASP B 110 -14.66 -2.66 -4.35
C ASP B 110 -13.34 -3.19 -3.81
N MET B 111 -12.98 -4.41 -4.18
CA MET B 111 -11.74 -5.01 -3.73
C MET B 111 -10.53 -4.21 -4.19
N VAL B 112 -10.59 -3.70 -5.41
CA VAL B 112 -9.47 -2.94 -5.97
C VAL B 112 -9.40 -1.56 -5.28
N LYS B 113 -10.56 -0.99 -4.97
CA LYS B 113 -10.57 0.25 -4.18
C LYS B 113 -9.91 0.08 -2.80
N VAL B 114 -10.33 -0.95 -2.05
CA VAL B 114 -9.73 -1.24 -0.75
C VAL B 114 -8.24 -1.53 -0.92
N LEU B 115 -7.91 -2.32 -1.93
CA LEU B 115 -6.50 -2.61 -2.24
C LEU B 115 -5.68 -1.34 -2.46
N PHE B 116 -6.17 -0.47 -3.34
CA PHE B 116 -5.50 0.80 -3.60
C PHE B 116 -5.39 1.65 -2.32
N GLU B 117 -6.47 1.71 -1.54
CA GLU B 117 -6.45 2.44 -0.27
C GLU B 117 -5.34 1.94 0.66
N GLN B 118 -5.21 0.61 0.77
CA GLN B 118 -4.21 0.06 1.67
C GLN B 118 -2.80 0.34 1.16
N ILE B 119 -2.62 0.24 -0.14
CA ILE B 119 -1.32 0.54 -0.76
C ILE B 119 -0.91 2.00 -0.54
N ILE B 120 -1.84 2.92 -0.77
CA ILE B 120 -1.55 4.34 -0.59
C ILE B 120 -1.09 4.63 0.83
N ALA B 121 -1.87 4.14 1.80
CA ALA B 121 -1.62 4.40 3.21
C ALA B 121 -0.31 3.78 3.70
N SER B 122 0.15 2.74 3.01
CA SER B 122 1.33 2.01 3.48
C SER B 122 2.52 2.28 2.59
N GLU B 123 2.56 3.47 2.00
CA GLU B 123 3.68 3.89 1.17
C GLU B 123 5.00 3.75 1.93
N GLY B 124 6.07 3.44 1.20
CA GLY B 124 7.35 3.18 1.81
C GLY B 124 7.47 1.76 2.32
N ASP B 125 6.54 0.91 1.91
CA ASP B 125 6.64 -0.52 2.20
C ASP B 125 6.96 -1.18 0.88
N ASN B 126 7.61 -2.35 0.92
CA ASN B 126 7.87 -3.03 -0.34
C ASN B 126 7.04 -4.28 -0.58
N SER B 127 6.23 -4.66 0.42
CA SER B 127 5.37 -5.82 0.31
C SER B 127 3.94 -5.42 -0.10
N LEU B 128 3.24 -6.34 -0.78
CA LEU B 128 1.84 -6.13 -1.09
C LEU B 128 0.97 -7.02 -0.22
N LYS B 129 1.62 -7.78 0.65
CA LYS B 129 0.96 -8.83 1.41
C LYS B 129 -0.20 -8.32 2.25
N ASP B 130 0.04 -7.27 3.04
CA ASP B 130 -1.02 -6.72 3.88
C ASP B 130 -2.20 -6.11 3.11
N PRO B 131 -1.94 -5.22 2.13
CA PRO B 131 -3.06 -4.68 1.33
C PRO B 131 -3.88 -5.76 0.61
N ALA B 132 -3.22 -6.71 -0.03
CA ALA B 132 -3.92 -7.80 -0.72
C ALA B 132 -4.68 -8.69 0.28
N THR B 133 -4.04 -9.03 1.37
CA THR B 133 -4.70 -9.85 2.38
C THR B 133 -5.94 -9.15 2.93
N LYS B 134 -5.76 -7.90 3.32
CA LYS B 134 -6.84 -7.08 3.87
C LYS B 134 -7.99 -6.86 2.87
N SER B 135 -7.69 -6.48 1.64
CA SER B 135 -8.77 -6.24 0.68
C SER B 135 -9.54 -7.50 0.37
N TYR B 136 -8.83 -8.63 0.30
CA TYR B 136 -9.49 -9.90 0.06
C TYR B 136 -10.40 -10.31 1.24
N ALA B 137 -9.89 -10.20 2.46
CA ALA B 137 -10.69 -10.53 3.65
C ALA B 137 -11.99 -9.73 3.68
N GLN B 138 -11.89 -8.44 3.40
CA GLN B 138 -13.05 -7.57 3.56
C GLN B 138 -14.10 -7.82 2.48
N VAL B 139 -13.68 -8.07 1.25
CA VAL B 139 -14.62 -8.10 0.11
C VAL B 139 -15.01 -9.49 -0.38
N PHE B 140 -14.05 -10.39 -0.53
CA PHE B 140 -14.37 -11.70 -1.09
C PHE B 140 -14.47 -12.82 -0.09
N ALA B 141 -13.67 -12.76 0.97
CA ALA B 141 -13.65 -13.84 1.94
C ALA B 141 -15.04 -14.21 2.48
N PRO B 142 -15.93 -13.22 2.70
CA PRO B 142 -17.30 -13.60 3.08
C PRO B 142 -18.05 -14.45 2.06
N HIS B 143 -17.63 -14.46 0.80
CA HIS B 143 -18.38 -15.19 -0.21
C HIS B 143 -17.69 -16.46 -0.71
N HIS B 144 -16.52 -16.78 -0.17
CA HIS B 144 -15.81 -17.98 -0.59
C HIS B 144 -15.79 -19.05 0.48
N GLY B 145 -15.85 -20.31 0.06
CA GLY B 145 -15.69 -21.41 0.98
C GLY B 145 -14.26 -21.64 1.40
N TRP B 146 -14.08 -22.65 2.22
CA TRP B 146 -12.84 -22.91 2.92
C TRP B 146 -11.62 -23.19 2.04
N ALA B 147 -11.78 -24.04 1.04
CA ALA B 147 -10.63 -24.42 0.23
C ALA B 147 -10.10 -23.23 -0.56
N ILE B 148 -11.00 -22.38 -1.02
CA ILE B 148 -10.62 -21.19 -1.77
C ILE B 148 -9.91 -20.15 -0.87
N ARG B 149 -10.51 -19.87 0.28
CA ARG B 149 -9.90 -18.95 1.21
C ARG B 149 -8.48 -19.41 1.58
N LYS B 150 -8.32 -20.71 1.75
CA LYS B 150 -7.04 -21.28 2.13
C LYS B 150 -6.04 -21.21 0.97
N ALA B 151 -6.50 -21.55 -0.22
CA ALA B 151 -5.66 -21.49 -1.41
C ALA B 151 -5.21 -20.04 -1.64
N VAL B 152 -6.14 -19.10 -1.49
CA VAL B 152 -5.81 -17.68 -1.60
C VAL B 152 -4.75 -17.25 -0.57
N SER B 153 -4.93 -17.68 0.68
CA SER B 153 -3.98 -17.35 1.74
C SER B 153 -2.55 -17.82 1.45
N LEU B 154 -2.39 -18.98 0.83
CA LEU B 154 -1.07 -19.47 0.42
C LEU B 154 -0.49 -18.70 -0.77
N GLY B 155 -1.34 -18.34 -1.71
CA GLY B 155 -0.91 -17.66 -2.92
C GLY B 155 -0.34 -16.30 -2.60
N MET B 156 -0.77 -15.73 -1.48
CA MET B 156 -0.30 -14.43 -0.99
C MET B 156 1.21 -14.44 -0.86
N TYR B 157 1.79 -15.62 -0.69
CA TYR B 157 3.22 -15.70 -0.57
C TYR B 157 3.84 -15.54 -1.93
N ALA B 158 3.02 -15.60 -2.98
CA ALA B 158 3.55 -15.51 -4.34
C ALA B 158 3.30 -14.14 -5.01
N LEU B 159 2.85 -13.17 -4.23
CA LEU B 159 2.66 -11.80 -4.71
C LEU B 159 3.93 -11.17 -5.25
N PRO B 160 3.78 -10.33 -6.29
CA PRO B 160 4.91 -9.47 -6.70
C PRO B 160 5.23 -8.51 -5.55
N THR B 161 6.48 -8.08 -5.45
CA THR B 161 6.82 -6.97 -4.58
C THR B 161 6.13 -5.70 -5.11
N ARG B 162 5.95 -4.73 -4.24
CA ARG B 162 5.35 -3.45 -4.64
C ARG B 162 6.08 -2.85 -5.84
N ALA B 163 7.39 -2.77 -5.74
CA ALA B 163 8.22 -2.18 -6.77
C ALA B 163 8.06 -2.94 -8.07
N HIS B 164 7.89 -4.26 -7.96
CA HIS B 164 7.69 -5.09 -9.12
C HIS B 164 6.32 -4.84 -9.75
N LEU B 165 5.29 -4.63 -8.93
CA LEU B 165 3.96 -4.31 -9.46
C LEU B 165 4.02 -3.00 -10.25
N LEU B 166 4.65 -1.98 -9.65
CA LEU B 166 4.84 -0.68 -10.29
C LEU B 166 5.55 -0.79 -11.65
N ASN B 167 6.55 -1.67 -11.72
CA ASN B 167 7.19 -2.00 -12.98
C ASN B 167 6.25 -2.54 -14.05
N MET B 168 5.33 -3.41 -13.65
CA MET B 168 4.37 -3.99 -14.58
C MET B 168 3.36 -2.94 -15.02
N LEU B 169 3.11 -1.97 -14.15
CA LEU B 169 2.11 -0.95 -14.41
C LEU B 169 2.73 0.26 -15.09
N LYS B 170 4.07 0.20 -15.23
CA LYS B 170 4.84 1.21 -15.94
C LYS B 170 4.74 2.59 -15.30
N GLU B 171 4.84 2.62 -13.98
CA GLU B 171 4.76 3.87 -13.21
C GLU B 171 5.79 3.84 -12.11
N ASP B 172 6.06 4.99 -11.51
CA ASP B 172 6.85 5.01 -10.29
C ASP B 172 5.93 5.42 -9.14
N GLU B 173 6.45 5.40 -7.93
CA GLU B 173 5.62 5.55 -6.74
C GLU B 173 4.66 6.74 -6.77
N ALA B 174 5.21 7.95 -6.92
CA ALA B 174 4.42 9.18 -6.86
C ALA B 174 3.29 9.25 -7.89
N ALA B 175 3.59 8.88 -9.14
CA ALA B 175 2.60 8.86 -10.20
C ALA B 175 1.50 7.82 -9.92
N ALA B 176 1.90 6.61 -9.56
CA ALA B 176 0.93 5.56 -9.29
C ALA B 176 0.02 5.96 -8.11
N LYS B 177 0.58 6.65 -7.13
CA LYS B 177 -0.20 7.07 -5.97
C LYS B 177 -1.37 7.98 -6.39
N ILE B 178 -1.11 8.86 -7.35
CA ILE B 178 -2.11 9.81 -7.82
C ILE B 178 -3.25 9.11 -8.56
N HIS B 179 -2.89 8.20 -9.46
CA HIS B 179 -3.88 7.48 -10.23
C HIS B 179 -4.67 6.45 -9.41
N MET B 180 -4.06 5.86 -8.39
CA MET B 180 -4.79 4.95 -7.50
C MET B 180 -5.79 5.74 -6.66
N GLN B 181 -5.31 6.84 -6.06
CA GLN B 181 -6.17 7.77 -5.34
C GLN B 181 -7.33 8.27 -6.19
N SER B 182 -7.05 8.60 -7.45
CA SER B 182 -8.13 8.97 -8.36
C SER B 182 -9.13 7.83 -8.52
N TYR B 183 -8.65 6.59 -8.69
CA TYR B 183 -9.57 5.44 -8.79
C TYR B 183 -10.39 5.30 -7.53
N VAL B 184 -9.74 5.44 -6.38
CA VAL B 184 -10.40 5.39 -5.09
C VAL B 184 -11.52 6.44 -4.97
N ASN B 185 -11.24 7.66 -5.41
CA ASN B 185 -12.19 8.76 -5.38
C ASN B 185 -13.35 8.50 -6.32
N SER B 186 -13.07 8.02 -7.53
CA SER B 186 -14.14 7.82 -8.50
C SER B 186 -14.98 6.60 -8.17
N SER B 187 -14.36 5.53 -7.69
CA SER B 187 -15.11 4.29 -7.56
C SER B 187 -16.02 4.30 -6.35
N ALA B 188 -15.64 5.05 -5.32
CA ALA B 188 -16.51 5.13 -4.13
C ALA B 188 -17.97 5.46 -4.44
N PRO B 189 -18.24 6.56 -5.17
CA PRO B 189 -19.67 6.82 -5.39
C PRO B 189 -20.29 5.83 -6.38
N LEU B 190 -19.49 5.33 -7.33
CA LEU B 190 -19.96 4.28 -8.23
C LEU B 190 -20.41 3.01 -7.49
N ILE B 191 -19.59 2.51 -6.58
CA ILE B 191 -19.95 1.33 -5.77
C ILE B 191 -21.20 1.59 -4.94
N THR B 192 -21.25 2.78 -4.33
CA THR B 192 -22.42 3.19 -3.56
C THR B 192 -23.64 3.22 -4.47
N TYR B 193 -23.49 3.80 -5.66
CA TYR B 193 -24.57 3.85 -6.63
C TYR B 193 -25.07 2.43 -6.95
N LEU B 194 -24.14 1.51 -7.22
CA LEU B 194 -24.48 0.13 -7.53
C LEU B 194 -25.18 -0.61 -6.38
N ASP B 195 -24.71 -0.40 -5.16
CA ASP B 195 -25.36 -0.99 -4.00
C ASP B 195 -26.81 -0.54 -3.93
N ASN B 196 -27.02 0.76 -4.15
CA ASN B 196 -28.34 1.35 -4.03
C ASN B 196 -29.32 0.92 -5.11
N LEU B 197 -28.82 0.58 -6.31
CA LEU B 197 -29.68 -0.03 -7.33
C LEU B 197 -30.27 -1.35 -6.84
N PHE B 198 -29.43 -2.18 -6.23
CA PHE B 198 -29.91 -3.43 -5.63
C PHE B 198 -30.81 -3.18 -4.41
N LEU B 199 -30.27 -2.47 -3.42
CA LEU B 199 -30.99 -2.19 -2.18
C LEU B 199 -32.35 -1.53 -2.40
N SER B 200 -32.39 -0.48 -3.22
CA SER B 200 -33.63 0.27 -3.45
C SER B 200 -34.71 -0.59 -4.08
N LYS B 201 -34.32 -1.73 -4.63
CA LYS B 201 -35.30 -2.62 -5.24
C LYS B 201 -35.43 -3.90 -4.42
N GLN B 202 -34.94 -3.83 -3.19
CA GLN B 202 -35.08 -4.91 -2.22
C GLN B 202 -34.56 -6.23 -2.78
N LEU B 203 -33.38 -6.17 -3.41
CA LEU B 203 -32.81 -7.35 -4.02
C LEU B 203 -31.75 -7.97 -3.11
N GLY B 204 -31.22 -7.16 -2.20
CA GLY B 204 -30.10 -7.58 -1.38
C GLY B 204 -28.81 -7.51 -2.16
N ILE B 205 -27.68 -7.43 -1.45
CA ILE B 205 -26.38 -7.40 -2.10
C ILE B 205 -25.43 -8.48 -1.57
N ASP B 206 -25.95 -9.46 -0.85
CA ASP B 206 -25.06 -10.39 -0.19
C ASP B 206 -25.16 -11.81 -0.70
N TRP B 207 -25.83 -11.98 -1.84
CA TRP B 207 -26.01 -13.29 -2.44
C TRP B 207 -25.06 -13.59 -3.62
N ASP C 8 19.02 -5.50 -25.49
CA ASP C 8 20.23 -6.02 -24.90
C ASP C 8 20.01 -7.43 -24.36
N LYS C 9 21.06 -8.25 -24.39
CA LYS C 9 20.96 -9.64 -23.94
C LYS C 9 21.23 -9.79 -22.45
N PRO C 10 20.29 -10.40 -21.72
CA PRO C 10 20.24 -10.47 -20.25
C PRO C 10 21.49 -11.08 -19.58
N LEU C 11 22.06 -12.15 -20.13
CA LEU C 11 23.26 -12.72 -19.51
C LEU C 11 24.44 -11.78 -19.73
N ARG C 12 24.36 -11.00 -20.80
CA ARG C 12 25.46 -10.16 -21.22
C ARG C 12 25.50 -8.89 -20.39
N LYS C 13 24.33 -8.38 -20.01
CA LYS C 13 24.28 -7.26 -19.08
C LYS C 13 24.74 -7.70 -17.71
N ILE C 14 24.45 -8.95 -17.37
CA ILE C 14 24.86 -9.49 -16.07
C ILE C 14 26.37 -9.61 -16.02
N SER C 15 26.96 -10.26 -17.02
CA SER C 15 28.39 -10.50 -17.00
C SER C 15 29.14 -9.18 -17.06
N ALA C 16 28.78 -8.36 -18.06
CA ALA C 16 29.39 -7.04 -18.22
C ALA C 16 29.33 -6.24 -16.93
N ALA C 17 28.20 -6.32 -16.23
CA ALA C 17 28.07 -5.54 -15.00
C ALA C 17 28.93 -6.10 -13.89
N PHE C 18 28.85 -7.40 -13.66
CA PHE C 18 29.61 -7.99 -12.57
C PHE C 18 31.11 -8.02 -12.88
N LYS C 19 31.46 -8.04 -14.17
CA LYS C 19 32.88 -8.00 -14.55
C LYS C 19 33.51 -6.68 -14.07
N LYS C 20 32.68 -5.73 -13.66
CA LYS C 20 33.17 -4.42 -13.19
C LYS C 20 33.13 -4.31 -11.67
N LEU C 21 32.23 -5.05 -11.02
CA LEU C 21 32.17 -5.01 -9.56
C LEU C 21 33.32 -5.75 -8.91
N ALA C 22 33.91 -6.69 -9.66
CA ALA C 22 35.02 -7.46 -9.14
C ALA C 22 36.22 -6.54 -8.99
N ILE C 23 36.51 -5.77 -10.02
CA ILE C 23 37.57 -4.76 -9.99
C ILE C 23 37.54 -3.88 -8.73
N ILE C 24 36.39 -3.28 -8.45
CA ILE C 24 36.23 -2.51 -7.24
C ILE C 24 36.64 -3.26 -5.96
N VAL C 25 36.26 -4.54 -5.85
CA VAL C 25 36.54 -5.29 -4.63
C VAL C 25 37.96 -5.86 -4.57
N ASN C 26 38.60 -6.03 -5.73
CA ASN C 26 40.02 -6.35 -5.79
C ASN C 26 40.88 -5.07 -5.64
N SER C 27 41.10 -4.68 -4.38
CA SER C 27 41.78 -3.44 -4.02
C SER C 27 41.90 -3.39 -2.49
N PRO C 28 42.74 -2.47 -1.97
CA PRO C 28 42.75 -2.21 -0.53
C PRO C 28 41.82 -1.07 -0.16
N ASN C 29 41.25 -1.12 1.04
CA ASN C 29 40.25 -0.15 1.48
C ASN C 29 39.18 0.18 0.41
N PRO C 30 38.41 -0.83 -0.05
CA PRO C 30 37.47 -0.67 -1.17
C PRO C 30 36.11 -0.11 -0.75
N GLU C 31 35.54 0.70 -1.63
CA GLU C 31 34.21 1.27 -1.40
C GLU C 31 33.27 0.89 -2.55
N VAL C 32 32.24 0.14 -2.20
CA VAL C 32 31.30 -0.32 -3.19
C VAL C 32 30.09 0.60 -3.20
N PRO C 33 29.87 1.27 -4.33
CA PRO C 33 28.74 2.19 -4.45
C PRO C 33 27.43 1.42 -4.53
N VAL C 34 26.63 1.52 -3.47
CA VAL C 34 25.31 0.90 -3.42
C VAL C 34 24.57 0.94 -4.76
N THR C 35 24.51 2.14 -5.34
CA THR C 35 23.89 2.35 -6.64
C THR C 35 24.37 1.33 -7.67
N GLN C 36 25.69 1.20 -7.82
CA GLN C 36 26.23 0.23 -8.75
C GLN C 36 25.87 -1.20 -8.31
N PHE C 37 25.82 -1.42 -7.00
CA PHE C 37 25.57 -2.76 -6.45
C PHE C 37 24.10 -3.13 -6.58
N SER C 38 23.24 -2.19 -6.18
CA SER C 38 21.81 -2.29 -6.37
C SER C 38 21.50 -2.67 -7.79
N HIS C 39 21.91 -1.81 -8.71
CA HIS C 39 21.63 -2.03 -10.11
C HIS C 39 22.09 -3.39 -10.64
N ALA C 40 23.30 -3.79 -10.27
CA ALA C 40 23.85 -5.07 -10.71
C ALA C 40 22.99 -6.24 -10.23
N CYS C 41 22.58 -6.19 -8.98
CA CYS C 41 21.77 -7.23 -8.40
C CYS C 41 20.37 -7.33 -9.02
N SER C 42 19.80 -6.18 -9.38
CA SER C 42 18.50 -6.12 -10.04
C SER C 42 18.55 -6.81 -11.40
N LEU C 43 19.73 -6.82 -12.01
CA LEU C 43 19.86 -7.49 -13.29
C LEU C 43 19.70 -9.02 -13.20
N VAL C 44 19.91 -9.57 -12.00
CA VAL C 44 19.85 -11.01 -11.77
C VAL C 44 18.42 -11.49 -11.49
N SER C 45 17.65 -10.65 -10.79
CA SER C 45 16.24 -10.90 -10.49
C SER C 45 15.41 -11.64 -11.54
N PRO C 46 15.47 -11.22 -12.82
CA PRO C 46 14.64 -11.94 -13.80
C PRO C 46 15.06 -13.40 -14.03
N LEU C 47 16.28 -13.78 -13.64
CA LEU C 47 16.67 -15.19 -13.77
C LEU C 47 15.77 -16.12 -12.94
N PHE C 48 15.39 -15.66 -11.74
CA PHE C 48 14.55 -16.48 -10.88
C PHE C 48 13.17 -16.71 -11.49
N GLY C 49 12.53 -15.62 -11.96
CA GLY C 49 11.32 -15.73 -12.74
C GLY C 49 11.40 -16.77 -13.85
N CYS C 50 12.46 -16.71 -14.66
CA CYS C 50 12.66 -17.68 -15.75
C CYS C 50 12.59 -19.14 -15.27
N LEU C 51 13.10 -19.41 -14.08
CA LEU C 51 13.14 -20.77 -13.58
C LEU C 51 11.76 -21.29 -13.17
N GLY C 52 10.78 -20.40 -13.05
CA GLY C 52 9.41 -20.80 -12.79
C GLY C 52 9.08 -20.93 -11.31
N ILE C 53 7.99 -21.64 -11.02
CA ILE C 53 7.34 -21.63 -9.69
C ILE C 53 8.22 -22.15 -8.55
N ALA C 54 9.13 -23.08 -8.86
CA ALA C 54 10.02 -23.62 -7.86
C ALA C 54 10.85 -22.52 -7.20
N PHE C 55 11.05 -21.43 -7.91
CA PHE C 55 11.83 -20.30 -7.38
C PHE C 55 11.03 -19.05 -7.03
N LYS C 56 9.72 -19.22 -6.82
CA LYS C 56 8.87 -18.10 -6.42
C LYS C 56 9.28 -17.50 -5.08
N PHE C 57 9.97 -18.28 -4.25
CA PHE C 57 10.45 -17.79 -2.97
C PHE C 57 11.44 -16.66 -3.14
N ALA C 58 12.06 -16.59 -4.32
CA ALA C 58 13.07 -15.56 -4.62
C ALA C 58 12.47 -14.15 -4.65
N GLU C 59 11.16 -14.08 -4.87
CA GLU C 59 10.48 -12.79 -4.90
C GLU C 59 10.65 -12.04 -3.55
N MET C 60 10.29 -12.70 -2.46
CA MET C 60 10.47 -12.06 -1.16
CA MET C 60 10.44 -12.16 -1.10
C MET C 60 11.87 -12.28 -0.56
N ALA C 61 12.56 -13.35 -0.94
CA ALA C 61 13.91 -13.65 -0.42
C ALA C 61 15.02 -12.85 -1.06
N TYR C 62 14.81 -12.42 -2.30
CA TYR C 62 15.86 -11.78 -3.05
C TYR C 62 15.38 -10.48 -3.71
N VAL C 63 14.31 -10.57 -4.48
CA VAL C 63 13.87 -9.41 -5.28
C VAL C 63 13.48 -8.26 -4.36
N ALA C 64 12.78 -8.59 -3.28
CA ALA C 64 12.32 -7.57 -2.33
C ALA C 64 13.53 -6.90 -1.70
N LYS C 65 14.61 -7.66 -1.57
CA LYS C 65 15.85 -7.19 -0.95
C LYS C 65 16.62 -6.24 -1.85
N VAL C 66 16.69 -6.58 -3.13
CA VAL C 66 17.32 -5.70 -4.10
C VAL C 66 16.54 -4.39 -4.13
N ASP C 67 15.21 -4.48 -4.13
CA ASP C 67 14.32 -3.32 -4.06
C ASP C 67 14.70 -2.36 -2.91
N ASP C 68 14.74 -2.86 -1.68
CA ASP C 68 15.23 -2.09 -0.55
C ASP C 68 16.58 -1.41 -0.82
N LEU C 69 17.58 -2.19 -1.20
CA LEU C 69 18.88 -1.62 -1.48
C LEU C 69 18.84 -0.54 -2.57
N VAL C 70 17.88 -0.64 -3.49
CA VAL C 70 17.66 0.40 -4.49
C VAL C 70 17.12 1.68 -3.82
N ARG C 71 16.21 1.53 -2.87
CA ARG C 71 15.68 2.68 -2.14
C ARG C 71 16.81 3.41 -1.41
N ALA C 72 17.76 2.65 -0.89
CA ALA C 72 18.89 3.20 -0.14
C ALA C 72 19.93 3.81 -1.07
N SER C 73 20.05 3.26 -2.27
CA SER C 73 21.03 3.68 -3.27
C SER C 73 21.05 5.20 -3.48
N SER C 74 19.92 5.85 -3.20
CA SER C 74 19.74 7.27 -3.38
C SER C 74 20.51 8.08 -2.32
N SER C 75 20.48 7.61 -1.08
CA SER C 75 21.01 8.37 0.04
C SER C 75 22.29 7.79 0.67
N ILE C 76 22.83 6.72 0.08
CA ILE C 76 24.01 6.07 0.64
C ILE C 76 25.07 5.70 -0.40
N SER C 77 26.31 6.10 -0.12
CA SER C 77 27.42 5.86 -1.03
C SER C 77 27.94 4.42 -0.95
N THR C 78 28.09 3.87 0.26
CA THR C 78 28.66 2.52 0.35
C THR C 78 27.97 1.55 1.30
N LEU C 79 28.16 0.27 0.98
CA LEU C 79 27.74 -0.83 1.83
C LEU C 79 28.38 -0.66 3.21
N VAL C 80 29.66 -0.29 3.22
CA VAL C 80 30.37 0.03 4.46
C VAL C 80 29.60 1.01 5.35
N VAL C 81 29.30 2.21 4.86
CA VAL C 81 28.55 3.17 5.68
C VAL C 81 27.19 2.59 6.05
N MET C 82 26.59 1.92 5.07
CA MET C 82 25.28 1.28 5.25
C MET C 82 25.30 0.36 6.46
N MET C 83 26.25 -0.57 6.49
CA MET C 83 26.35 -1.48 7.64
C MET C 83 26.60 -0.68 8.92
N ASP C 84 27.57 0.23 8.87
CA ASP C 84 27.90 1.08 10.01
C ASP C 84 26.69 1.82 10.60
N LYS C 85 25.83 2.37 9.73
CA LYS C 85 24.61 3.01 10.21
C LYS C 85 23.77 2.04 11.06
N ASP C 86 23.45 0.87 10.52
CA ASP C 86 22.70 -0.14 11.28
C ASP C 86 23.55 -0.70 12.43
N ILE C 87 24.87 -0.74 12.24
CA ILE C 87 25.80 -1.12 13.29
C ILE C 87 25.74 -0.13 14.45
N GLU C 88 25.92 1.15 14.13
CA GLU C 88 25.86 2.22 15.12
C GLU C 88 24.46 2.35 15.74
N ALA C 89 23.45 1.77 15.10
CA ALA C 89 22.10 1.80 15.62
C ALA C 89 21.62 0.45 16.13
N ASP C 90 22.56 -0.47 16.35
CA ASP C 90 22.30 -1.85 16.79
C ASP C 90 21.07 -2.54 16.16
N CYS C 91 20.84 -2.31 14.88
CA CYS C 91 19.71 -2.93 14.19
C CYS C 91 20.16 -3.78 13.00
N VAL C 92 21.36 -4.33 13.09
CA VAL C 92 21.89 -5.19 12.03
C VAL C 92 21.00 -6.41 11.80
N ARG C 93 20.48 -6.99 12.88
CA ARG C 93 19.61 -8.16 12.77
C ARG C 93 18.12 -7.80 12.71
N LYS C 94 17.82 -6.49 12.71
CA LYS C 94 16.44 -6.02 12.68
C LYS C 94 15.80 -6.33 11.33
N ALA C 95 14.59 -6.87 11.35
CA ALA C 95 13.86 -7.18 10.14
C ALA C 95 13.66 -5.93 9.28
N GLY C 96 14.17 -5.99 8.05
CA GLY C 96 14.03 -4.88 7.13
C GLY C 96 15.29 -4.05 7.04
N SER C 97 16.32 -4.43 7.79
CA SER C 97 17.57 -3.69 7.80
C SER C 97 18.28 -3.79 6.47
N HIS C 98 19.07 -2.77 6.17
CA HIS C 98 19.81 -2.76 4.95
C HIS C 98 20.96 -3.76 4.98
N THR C 99 21.41 -4.12 6.18
CA THR C 99 22.47 -5.12 6.26
C THR C 99 21.89 -6.55 6.38
N ARG C 100 20.71 -6.68 6.99
CA ARG C 100 19.98 -7.95 7.00
C ARG C 100 19.56 -8.34 5.58
N ASN C 101 19.16 -7.33 4.80
CA ASN C 101 18.76 -7.56 3.41
C ASN C 101 19.98 -7.81 2.53
N LEU C 102 21.08 -7.17 2.88
CA LEU C 102 22.34 -7.37 2.19
C LEU C 102 22.83 -8.82 2.28
N LEU C 103 22.62 -9.43 3.45
CA LEU C 103 23.05 -10.81 3.65
C LEU C 103 22.26 -11.74 2.71
N ARG C 104 20.95 -11.50 2.61
CA ARG C 104 20.06 -12.27 1.73
C ARG C 104 20.43 -12.09 0.26
N VAL C 105 20.81 -10.88 -0.12
CA VAL C 105 21.19 -10.61 -1.50
C VAL C 105 22.43 -11.40 -1.86
N LYS C 106 23.37 -11.43 -0.92
CA LYS C 106 24.60 -12.19 -1.09
C LYS C 106 24.30 -13.66 -1.37
N ARG C 107 23.38 -14.23 -0.60
CA ARG C 107 22.96 -15.61 -0.83
C ARG C 107 22.35 -15.82 -2.21
N GLY C 108 21.53 -14.88 -2.66
CA GLY C 108 20.94 -14.99 -3.99
C GLY C 108 22.04 -14.98 -5.04
N LEU C 109 23.01 -14.10 -4.85
CA LEU C 109 24.18 -14.04 -5.74
C LEU C 109 24.90 -15.38 -5.74
N ASP C 110 25.07 -15.95 -4.55
CA ASP C 110 25.74 -17.23 -4.38
C ASP C 110 24.94 -18.36 -5.06
N MET C 111 23.62 -18.35 -4.92
CA MET C 111 22.83 -19.40 -5.54
C MET C 111 22.96 -19.41 -7.06
N VAL C 112 22.99 -18.23 -7.68
CA VAL C 112 23.05 -18.14 -9.14
C VAL C 112 24.43 -18.61 -9.62
N LYS C 113 25.46 -18.25 -8.87
CA LYS C 113 26.82 -18.74 -9.12
C LYS C 113 26.86 -20.27 -9.19
N VAL C 114 26.34 -20.92 -8.14
CA VAL C 114 26.33 -22.38 -8.15
C VAL C 114 25.42 -22.89 -9.27
N LEU C 115 24.28 -22.24 -9.46
CA LEU C 115 23.37 -22.60 -10.55
C LEU C 115 24.10 -22.58 -11.89
N PHE C 116 24.79 -21.48 -12.17
CA PHE C 116 25.58 -21.35 -13.40
C PHE C 116 26.66 -22.44 -13.52
N GLU C 117 27.41 -22.65 -12.43
CA GLU C 117 28.43 -23.68 -12.39
C GLU C 117 27.85 -25.03 -12.77
N GLN C 118 26.69 -25.33 -12.18
CA GLN C 118 26.06 -26.61 -12.45
C GLN C 118 25.46 -26.70 -13.86
N ILE C 119 24.98 -25.57 -14.40
CA ILE C 119 24.47 -25.56 -15.78
C ILE C 119 25.61 -25.81 -16.76
N ILE C 120 26.75 -25.16 -16.50
CA ILE C 120 27.93 -25.38 -17.32
C ILE C 120 28.33 -26.85 -17.26
N ALA C 121 28.35 -27.40 -16.05
CA ALA C 121 28.77 -28.78 -15.83
C ALA C 121 27.80 -29.82 -16.40
N SER C 122 26.55 -29.43 -16.63
CA SER C 122 25.58 -30.39 -17.11
C SER C 122 25.21 -30.21 -18.58
N GLU C 123 26.11 -29.60 -19.34
CA GLU C 123 25.91 -29.41 -20.77
C GLU C 123 25.70 -30.75 -21.47
N GLY C 124 24.73 -30.81 -22.39
CA GLY C 124 24.38 -32.06 -23.03
C GLY C 124 23.09 -32.66 -22.48
N ASP C 125 22.67 -32.20 -21.31
CA ASP C 125 21.46 -32.69 -20.68
C ASP C 125 20.43 -31.55 -20.78
N ASN C 126 19.26 -31.84 -21.34
CA ASN C 126 18.25 -30.81 -21.57
C ASN C 126 17.36 -30.56 -20.34
N SER C 127 17.60 -31.29 -19.27
CA SER C 127 16.90 -31.07 -18.02
C SER C 127 17.70 -30.16 -17.09
N LEU C 128 17.03 -29.17 -16.48
CA LEU C 128 17.67 -28.29 -15.51
C LEU C 128 17.49 -28.80 -14.07
N LYS C 129 17.00 -30.03 -13.93
CA LYS C 129 16.69 -30.56 -12.60
C LYS C 129 17.88 -30.58 -11.65
N ASP C 130 18.97 -31.23 -12.05
CA ASP C 130 20.16 -31.27 -11.22
C ASP C 130 20.77 -29.91 -10.89
N PRO C 131 20.94 -29.03 -11.89
CA PRO C 131 21.57 -27.75 -11.50
C PRO C 131 20.67 -26.93 -10.58
N ALA C 132 19.37 -26.95 -10.82
CA ALA C 132 18.46 -26.17 -10.01
C ALA C 132 18.38 -26.76 -8.61
N THR C 133 18.32 -28.09 -8.56
CA THR C 133 18.23 -28.81 -7.29
C THR C 133 19.48 -28.63 -6.43
N LYS C 134 20.66 -28.82 -7.01
CA LYS C 134 21.93 -28.72 -6.31
C LYS C 134 22.21 -27.30 -5.84
N SER C 135 21.92 -26.31 -6.68
CA SER C 135 22.19 -24.94 -6.32
C SER C 135 21.30 -24.50 -5.15
N TYR C 136 20.01 -24.83 -5.22
CA TYR C 136 19.09 -24.57 -4.12
C TYR C 136 19.48 -25.27 -2.82
N ALA C 137 19.92 -26.52 -2.94
CA ALA C 137 20.23 -27.34 -1.77
C ALA C 137 21.42 -26.78 -1.02
N GLN C 138 22.44 -26.36 -1.76
CA GLN C 138 23.64 -25.83 -1.15
C GLN C 138 23.39 -24.48 -0.49
N VAL C 139 22.65 -23.61 -1.15
CA VAL C 139 22.58 -22.21 -0.74
C VAL C 139 21.36 -21.83 0.11
N PHE C 140 20.17 -22.25 -0.33
CA PHE C 140 18.93 -21.81 0.33
C PHE C 140 18.31 -22.81 1.29
N ALA C 141 18.40 -24.10 0.95
CA ALA C 141 17.81 -25.15 1.77
C ALA C 141 18.13 -25.06 3.29
N PRO C 142 19.40 -24.74 3.67
CA PRO C 142 19.70 -24.64 5.10
C PRO C 142 18.95 -23.52 5.82
N HIS C 143 18.37 -22.57 5.09
CA HIS C 143 17.67 -21.46 5.71
C HIS C 143 16.15 -21.58 5.56
N HIS C 144 15.67 -22.61 4.88
CA HIS C 144 14.23 -22.76 4.68
C HIS C 144 13.66 -23.94 5.46
N GLY C 145 12.47 -23.75 6.02
CA GLY C 145 11.82 -24.83 6.73
C GLY C 145 11.23 -25.84 5.75
N TRP C 146 10.61 -26.86 6.32
CA TRP C 146 10.15 -28.03 5.58
C TRP C 146 9.14 -27.73 4.46
N ALA C 147 8.14 -26.90 4.75
CA ALA C 147 7.12 -26.52 3.77
C ALA C 147 7.68 -25.86 2.50
N ILE C 148 8.57 -24.89 2.68
CA ILE C 148 9.20 -24.22 1.56
C ILE C 148 10.05 -25.19 0.74
N ARG C 149 10.82 -26.04 1.41
CA ARG C 149 11.70 -26.97 0.74
C ARG C 149 10.94 -28.00 -0.08
N LYS C 150 9.81 -28.47 0.44
CA LYS C 150 8.98 -29.42 -0.29
C LYS C 150 8.27 -28.74 -1.47
N ALA C 151 7.89 -27.48 -1.30
CA ALA C 151 7.22 -26.79 -2.40
C ALA C 151 8.22 -26.53 -3.51
N VAL C 152 9.44 -26.19 -3.12
CA VAL C 152 10.50 -25.92 -4.08
C VAL C 152 10.77 -27.18 -4.86
N SER C 153 10.82 -28.31 -4.16
CA SER C 153 11.07 -29.60 -4.79
C SER C 153 9.94 -29.95 -5.75
N LEU C 154 8.71 -29.64 -5.36
CA LEU C 154 7.56 -29.91 -6.22
C LEU C 154 7.60 -29.03 -7.47
N GLY C 155 7.92 -27.75 -7.29
CA GLY C 155 7.94 -26.81 -8.39
C GLY C 155 8.95 -27.17 -9.44
N MET C 156 9.90 -28.02 -9.09
CA MET C 156 10.91 -28.49 -10.03
C MET C 156 10.31 -29.20 -11.25
N TYR C 157 9.10 -29.74 -11.10
CA TYR C 157 8.42 -30.33 -12.27
C TYR C 157 8.08 -29.27 -13.32
N ALA C 158 8.15 -28.01 -12.93
CA ALA C 158 7.70 -26.91 -13.77
C ALA C 158 8.85 -26.08 -14.31
N LEU C 159 10.08 -26.53 -14.08
CA LEU C 159 11.25 -25.87 -14.67
C LEU C 159 11.06 -25.84 -16.20
N PRO C 160 11.57 -24.81 -16.87
CA PRO C 160 11.62 -24.90 -18.33
C PRO C 160 12.78 -25.82 -18.71
N THR C 161 12.74 -26.40 -19.91
CA THR C 161 13.84 -27.22 -20.37
C THR C 161 15.09 -26.36 -20.45
N ARG C 162 16.25 -26.96 -20.66
CA ARG C 162 17.47 -26.19 -20.81
C ARG C 162 17.37 -25.33 -22.07
N ALA C 163 16.95 -25.95 -23.17
CA ALA C 163 16.78 -25.24 -24.43
C ALA C 163 15.81 -24.06 -24.30
N HIS C 164 14.76 -24.24 -23.51
CA HIS C 164 13.73 -23.21 -23.32
C HIS C 164 14.31 -22.02 -22.54
N LEU C 165 15.09 -22.32 -21.49
CA LEU C 165 15.73 -21.26 -20.70
C LEU C 165 16.66 -20.42 -21.58
N LEU C 166 17.51 -21.09 -22.37
CA LEU C 166 18.44 -20.38 -23.25
C LEU C 166 17.67 -19.51 -24.24
N ASN C 167 16.53 -20.01 -24.70
CA ASN C 167 15.66 -19.23 -25.59
C ASN C 167 15.12 -17.97 -24.91
N MET C 168 14.65 -18.09 -23.68
CA MET C 168 14.22 -16.92 -22.90
C MET C 168 15.37 -15.94 -22.69
N LEU C 169 16.60 -16.44 -22.61
CA LEU C 169 17.77 -15.59 -22.30
C LEU C 169 18.43 -15.06 -23.57
N LYS C 170 17.88 -15.44 -24.72
CA LYS C 170 18.33 -14.97 -26.02
C LYS C 170 19.76 -15.42 -26.37
N GLU C 171 20.10 -16.66 -26.04
CA GLU C 171 21.45 -17.14 -26.34
C GLU C 171 21.47 -18.54 -26.89
N ASP C 172 22.54 -18.87 -27.60
CA ASP C 172 22.83 -20.25 -27.93
C ASP C 172 23.76 -20.73 -26.83
N GLU C 173 24.04 -22.04 -26.81
CA GLU C 173 24.81 -22.66 -25.73
C GLU C 173 26.18 -22.01 -25.54
N ALA C 174 26.89 -21.86 -26.66
CA ALA C 174 28.27 -21.35 -26.65
C ALA C 174 28.40 -20.00 -25.98
N ALA C 175 27.50 -19.07 -26.34
CA ALA C 175 27.55 -17.73 -25.80
C ALA C 175 27.11 -17.67 -24.34
N ALA C 176 26.06 -18.41 -24.02
CA ALA C 176 25.55 -18.46 -22.65
C ALA C 176 26.62 -18.96 -21.69
N LYS C 177 27.35 -19.98 -22.12
CA LYS C 177 28.43 -20.56 -21.32
C LYS C 177 29.49 -19.51 -21.01
N ILE C 178 29.86 -18.76 -22.04
CA ILE C 178 30.83 -17.68 -21.90
C ILE C 178 30.43 -16.69 -20.82
N HIS C 179 29.18 -16.23 -20.86
CA HIS C 179 28.75 -15.20 -19.93
C HIS C 179 28.37 -15.75 -18.55
N MET C 180 27.91 -17.00 -18.49
CA MET C 180 27.67 -17.63 -17.20
C MET C 180 28.99 -17.83 -16.47
N GLN C 181 29.99 -18.35 -17.20
CA GLN C 181 31.31 -18.58 -16.63
C GLN C 181 31.93 -17.27 -16.18
N SER C 182 31.76 -16.22 -16.98
CA SER C 182 32.19 -14.89 -16.57
C SER C 182 31.56 -14.49 -15.25
N TYR C 183 30.25 -14.68 -15.11
CA TYR C 183 29.60 -14.33 -13.86
C TYR C 183 30.09 -15.23 -12.73
N VAL C 184 30.38 -16.50 -13.05
CA VAL C 184 30.93 -17.40 -12.05
C VAL C 184 32.23 -16.79 -11.53
N ASN C 185 33.14 -16.51 -12.46
CA ASN C 185 34.44 -15.91 -12.11
C ASN C 185 34.32 -14.53 -11.45
N SER C 186 33.54 -13.64 -12.05
CA SER C 186 33.36 -12.30 -11.49
C SER C 186 32.79 -12.28 -10.07
N SER C 187 31.80 -13.13 -9.77
CA SER C 187 31.04 -12.99 -8.52
C SER C 187 31.70 -13.56 -7.25
N ALA C 188 32.62 -14.50 -7.41
CA ALA C 188 33.25 -15.11 -6.24
C ALA C 188 33.97 -14.10 -5.30
N PRO C 189 34.85 -13.22 -5.82
CA PRO C 189 35.44 -12.20 -4.95
C PRO C 189 34.42 -11.30 -4.25
N LEU C 190 33.39 -10.89 -4.99
CA LEU C 190 32.33 -10.05 -4.44
C LEU C 190 31.65 -10.74 -3.27
N ILE C 191 31.37 -12.02 -3.44
CA ILE C 191 30.77 -12.82 -2.38
C ILE C 191 31.73 -12.90 -1.18
N THR C 192 33.01 -13.11 -1.45
CA THR C 192 34.00 -13.09 -0.36
C THR C 192 34.06 -11.70 0.32
N TYR C 193 34.06 -10.64 -0.49
CA TYR C 193 34.06 -9.27 0.06
C TYR C 193 32.89 -9.05 0.98
N LEU C 194 31.70 -9.39 0.51
CA LEU C 194 30.49 -9.27 1.32
C LEU C 194 30.57 -10.12 2.59
N ASP C 195 31.01 -11.38 2.45
CA ASP C 195 31.14 -12.28 3.59
C ASP C 195 32.06 -11.66 4.65
N ASN C 196 33.21 -11.16 4.19
CA ASN C 196 34.20 -10.55 5.05
C ASN C 196 33.70 -9.32 5.81
N LEU C 197 33.12 -8.38 5.08
CA LEU C 197 32.60 -7.15 5.71
C LEU C 197 31.58 -7.44 6.79
N PHE C 198 31.07 -8.67 6.84
CA PHE C 198 30.22 -9.13 7.94
C PHE C 198 31.06 -9.78 9.03
N LEU C 199 31.99 -10.64 8.64
CA LEU C 199 32.77 -11.40 9.62
C LEU C 199 33.84 -10.52 10.25
N SER C 200 34.47 -9.68 9.42
CA SER C 200 35.46 -8.71 9.88
C SER C 200 34.88 -7.61 10.77
N LYS C 201 33.59 -7.71 11.08
CA LYS C 201 32.97 -6.83 12.06
C LYS C 201 32.19 -7.70 13.03
N GLN C 202 32.49 -9.00 12.98
CA GLN C 202 31.95 -9.99 13.93
C GLN C 202 30.44 -9.94 14.05
N LEU C 203 29.75 -10.26 12.96
CA LEU C 203 28.29 -10.18 12.90
C LEU C 203 27.69 -11.53 12.51
N GLY C 204 28.47 -12.33 11.79
CA GLY C 204 28.03 -13.63 11.32
C GLY C 204 27.56 -13.56 9.89
N ILE C 205 27.29 -14.72 9.28
CA ILE C 205 26.72 -14.77 7.96
C ILE C 205 25.69 -15.89 7.82
N ASP C 206 25.21 -16.40 8.95
CA ASP C 206 24.32 -17.57 8.95
C ASP C 206 22.94 -17.27 9.54
N TRP C 207 22.74 -16.03 9.98
CA TRP C 207 21.53 -15.65 10.69
C TRP C 207 20.45 -15.09 9.78
#